data_4N3R
#
_entry.id   4N3R
#
_cell.length_a   42.496
_cell.length_b   73.401
_cell.length_c   148.232
_cell.angle_alpha   90
_cell.angle_beta   90
_cell.angle_gamma   90
#
_symmetry.space_group_name_H-M   'P 21 21 21'
#
loop_
_entity.id
_entity.type
_entity.pdbx_description
1 polymer Tankyrase-1
2 non-polymer 'ZINC ION'
3 non-polymer 5-(2-aminoquinazolin-6-yl)-N-(4,4-dimethyl-2-oxo-1,2,3,4-tetrahydroquinolin-7-yl)-2-fluorobenzamide
4 water water
#
_entity_poly.entity_id   1
_entity_poly.type   'polypeptide(L)'
_entity_poly.pdbx_seq_one_letter_code
;QGTILLDLAPEDKEYQSVEEEMQSTIREHRDGGNAGGIFNRYNVIRIQKVVNKKLRERFCHRQKEVSEENHNHHNERMLF
HGSPFINAIIHKGFDERHAYIGGMFGAGIYFAENSSKSNQYVYGIGGGTGCPTHKDRSCYICHRQMLFCRVTLGKSFLQF
STMKMAHAPPGHHSVIGRPSVNGLAYAEYVIYRGEQAYPEYLITYQIMKPEHHHHHH
;
_entity_poly.pdbx_strand_id   A,B
#
loop_
_chem_comp.id
_chem_comp.type
_chem_comp.name
_chem_comp.formula
2GU non-polymer 5-(2-aminoquinazolin-6-yl)-N-(4,4-dimethyl-2-oxo-1,2,3,4-tetrahydroquinolin-7-yl)-2-fluorobenzamide 'C26 H22 F N5 O2'
ZN non-polymer 'ZINC ION' 'Zn 2'
#
# COMPACT_ATOMS: atom_id res chain seq x y z
N GLN A 1 15.59 19.29 30.01
CA GLN A 1 14.67 18.13 30.24
C GLN A 1 14.81 17.05 29.18
N GLY A 2 15.30 15.88 29.56
CA GLY A 2 15.45 14.84 28.57
C GLY A 2 14.27 13.88 28.51
N THR A 3 14.60 12.60 28.58
CA THR A 3 13.60 11.54 28.52
C THR A 3 13.34 10.94 29.89
N ILE A 4 12.06 10.70 30.16
CA ILE A 4 11.65 10.10 31.41
C ILE A 4 11.26 8.67 31.07
N LEU A 5 11.80 7.70 31.80
CA LEU A 5 11.45 6.30 31.57
C LEU A 5 10.53 5.84 32.68
N LEU A 6 9.30 5.53 32.29
CA LEU A 6 8.27 5.08 33.23
C LEU A 6 7.98 3.60 33.14
N ASP A 7 8.16 2.89 34.25
CA ASP A 7 7.86 1.47 34.27
C ASP A 7 6.35 1.27 34.33
N LEU A 8 5.89 0.24 33.62
CA LEU A 8 4.48 -0.10 33.61
C LEU A 8 4.35 -1.39 34.43
N ALA A 9 3.38 -1.43 35.33
CA ALA A 9 3.18 -2.64 36.12
C ALA A 9 2.58 -3.70 35.25
N PRO A 10 2.96 -4.96 35.46
CA PRO A 10 2.39 -6.02 34.61
C PRO A 10 0.87 -6.18 34.67
N GLU A 11 0.24 -5.69 35.74
CA GLU A 11 -1.20 -5.79 35.83
C GLU A 11 -1.86 -4.62 35.08
N ASP A 12 -1.05 -3.69 34.58
CA ASP A 12 -1.59 -2.56 33.84
C ASP A 12 -2.05 -3.06 32.48
N LYS A 13 -3.24 -2.66 32.05
CA LYS A 13 -3.72 -3.12 30.76
C LYS A 13 -2.80 -2.70 29.61
N GLU A 14 -2.04 -1.62 29.82
CA GLU A 14 -1.13 -1.11 28.80
C GLU A 14 0.02 -2.07 28.65
N TYR A 15 0.57 -2.52 29.79
CA TYR A 15 1.67 -3.48 29.79
C TYR A 15 1.19 -4.71 29.01
N GLN A 16 0.05 -5.23 29.44
CA GLN A 16 -0.58 -6.41 28.85
C GLN A 16 -0.83 -6.34 27.36
N SER A 17 -1.22 -5.17 26.87
CA SER A 17 -1.49 -4.99 25.45
C SER A 17 -0.18 -5.03 24.66
N VAL A 18 0.85 -4.37 25.17
CA VAL A 18 2.16 -4.36 24.51
C VAL A 18 2.80 -5.77 24.50
N GLU A 19 2.86 -6.44 25.65
CA GLU A 19 3.44 -7.78 25.68
C GLU A 19 2.66 -8.76 24.79
N GLU A 20 1.35 -8.57 24.72
CA GLU A 20 0.50 -9.45 23.91
C GLU A 20 0.86 -9.31 22.44
N GLU A 21 1.08 -8.08 21.98
CA GLU A 21 1.43 -7.86 20.58
C GLU A 21 2.83 -8.39 20.26
N MET A 22 3.73 -8.32 21.22
CA MET A 22 5.08 -8.81 21.01
C MET A 22 5.09 -10.34 20.91
N GLN A 23 4.43 -10.99 21.86
CA GLN A 23 4.38 -12.44 21.91
C GLN A 23 3.63 -13.04 20.73
N SER A 24 2.51 -12.43 20.37
CA SER A 24 1.68 -12.93 19.29
C SER A 24 2.18 -12.65 17.86
N THR A 25 3.17 -11.79 17.70
CA THR A 25 3.68 -11.51 16.36
C THR A 25 5.01 -12.19 16.08
N ILE A 26 5.25 -13.28 16.78
CA ILE A 26 6.44 -14.07 16.58
C ILE A 26 6.07 -14.91 15.36
N ARG A 27 6.91 -14.87 14.32
CA ARG A 27 6.64 -15.62 13.08
C ARG A 27 7.83 -16.52 12.72
N GLU A 28 7.64 -17.49 11.83
CA GLU A 28 8.75 -18.36 11.40
C GLU A 28 9.54 -17.60 10.37
N HIS A 29 10.86 -17.82 10.35
CA HIS A 29 11.72 -17.13 9.39
C HIS A 29 12.54 -17.99 8.43
N ARG A 30 12.49 -19.30 8.62
CA ARG A 30 13.20 -20.26 7.76
C ARG A 30 14.68 -19.93 7.68
N ASP A 31 15.22 -19.47 8.79
CA ASP A 31 16.60 -19.10 8.84
C ASP A 31 17.32 -20.04 9.82
N GLY A 32 16.58 -20.93 10.47
CA GLY A 32 17.19 -21.84 11.42
C GLY A 32 17.48 -21.16 12.72
N GLY A 33 17.04 -19.92 12.86
CA GLY A 33 17.27 -19.17 14.09
C GLY A 33 18.62 -18.49 14.12
N ASN A 34 19.31 -18.48 12.98
CA ASN A 34 20.65 -17.88 12.91
C ASN A 34 20.76 -16.42 13.33
N ALA A 35 19.90 -15.57 12.80
CA ALA A 35 19.95 -14.14 13.13
C ALA A 35 19.50 -13.77 14.54
N GLY A 36 18.27 -14.14 14.90
CA GLY A 36 17.75 -13.79 16.22
C GLY A 36 17.78 -14.84 17.31
N GLY A 37 18.21 -16.05 16.98
CA GLY A 37 18.26 -17.10 17.97
C GLY A 37 17.10 -18.06 17.82
N ILE A 38 17.17 -19.18 18.54
CA ILE A 38 16.11 -20.18 18.47
C ILE A 38 15.19 -20.00 19.68
N PHE A 39 13.89 -19.85 19.42
CA PHE A 39 12.92 -19.66 20.48
C PHE A 39 11.52 -19.62 19.90
N ASN A 40 10.50 -19.65 20.75
CA ASN A 40 9.15 -19.50 20.23
C ASN A 40 8.30 -18.71 21.21
N ARG A 41 8.99 -18.12 22.19
CA ARG A 41 8.39 -17.27 23.19
C ARG A 41 9.47 -16.37 23.81
N TYR A 42 9.06 -15.24 24.37
CA TYR A 42 10.00 -14.33 25.01
C TYR A 42 9.69 -14.24 26.49
N ASN A 43 10.69 -13.91 27.28
CA ASN A 43 10.48 -13.66 28.69
C ASN A 43 10.54 -12.14 28.76
N VAL A 44 9.39 -11.47 28.72
CA VAL A 44 9.38 -10.01 28.80
C VAL A 44 9.64 -9.62 30.25
N ILE A 45 10.79 -9.04 30.54
CA ILE A 45 11.10 -8.70 31.92
C ILE A 45 10.89 -7.23 32.32
N ARG A 46 10.54 -6.39 31.37
CA ARG A 46 10.31 -4.99 31.69
C ARG A 46 9.80 -4.18 30.54
N ILE A 47 8.78 -3.36 30.81
CA ILE A 47 8.23 -2.48 29.78
C ILE A 47 8.19 -1.08 30.33
N GLN A 48 8.88 -0.18 29.65
CA GLN A 48 8.91 1.19 30.09
C GLN A 48 8.39 2.09 29.00
N LYS A 49 7.70 3.14 29.40
CA LYS A 49 7.16 4.09 28.44
C LYS A 49 8.17 5.23 28.37
N VAL A 50 8.49 5.65 27.15
CA VAL A 50 9.43 6.74 26.93
C VAL A 50 8.69 8.06 26.87
N VAL A 51 8.92 8.90 27.88
CA VAL A 51 8.25 10.20 27.94
C VAL A 51 9.23 11.35 27.73
N ASN A 52 9.04 12.08 26.64
CA ASN A 52 9.88 13.20 26.30
C ASN A 52 9.04 14.24 25.56
N LYS A 53 8.73 15.32 26.28
CA LYS A 53 7.92 16.40 25.77
C LYS A 53 8.39 17.00 24.43
N LYS A 54 9.68 17.30 24.32
CA LYS A 54 10.22 17.87 23.09
C LYS A 54 10.04 16.95 21.91
N LEU A 55 10.34 15.67 22.11
CA LEU A 55 10.19 14.68 21.06
C LEU A 55 8.75 14.59 20.57
N ARG A 56 7.82 14.49 21.52
CA ARG A 56 6.40 14.39 21.20
C ARG A 56 5.94 15.56 20.34
N GLU A 57 6.42 16.76 20.67
CA GLU A 57 6.06 17.95 19.93
C GLU A 57 6.60 17.89 18.49
N ARG A 58 7.83 17.39 18.33
CA ARG A 58 8.44 17.25 17.01
C ARG A 58 7.55 16.33 16.18
N PHE A 59 7.26 15.17 16.76
CA PHE A 59 6.44 14.13 16.16
C PHE A 59 5.04 14.57 15.72
N CYS A 60 4.29 15.17 16.64
CA CYS A 60 2.94 15.64 16.35
C CYS A 60 2.91 16.76 15.29
N HIS A 61 3.92 17.62 15.30
CA HIS A 61 3.99 18.70 14.32
C HIS A 61 4.14 18.07 12.93
N ARG A 62 5.01 17.08 12.82
CA ARG A 62 5.24 16.40 11.55
C ARG A 62 4.02 15.60 11.11
N GLN A 63 3.33 15.00 12.07
CA GLN A 63 2.14 14.21 11.76
C GLN A 63 1.05 15.12 11.19
N LYS A 64 1.03 16.38 11.62
CA LYS A 64 0.05 17.32 11.10
C LYS A 64 0.43 17.65 9.65
N GLU A 65 1.72 17.88 9.43
CA GLU A 65 2.21 18.19 8.09
C GLU A 65 1.87 17.07 7.13
N VAL A 66 2.06 15.83 7.58
CA VAL A 66 1.74 14.69 6.73
C VAL A 66 0.25 14.58 6.53
N SER A 67 -0.52 14.94 7.54
CA SER A 67 -1.98 14.91 7.42
C SER A 67 -2.35 15.81 6.25
N GLU A 68 -1.87 17.05 6.31
CA GLU A 68 -2.15 18.06 5.30
C GLU A 68 -1.70 17.72 3.88
N GLU A 69 -0.74 16.81 3.74
CA GLU A 69 -0.24 16.43 2.42
C GLU A 69 -0.84 15.11 2.01
N ASN A 70 -1.63 14.52 2.90
CA ASN A 70 -2.23 13.23 2.60
C ASN A 70 -3.74 13.19 2.76
N HIS A 71 -4.40 14.34 2.53
CA HIS A 71 -5.86 14.42 2.63
C HIS A 71 -6.35 14.05 3.99
N ASN A 72 -5.72 14.67 4.99
CA ASN A 72 -6.06 14.49 6.40
C ASN A 72 -5.98 13.11 7.07
N HIS A 73 -5.13 12.22 6.54
CA HIS A 73 -4.93 10.88 7.16
C HIS A 73 -3.43 10.80 7.41
N HIS A 74 -2.99 10.81 8.65
CA HIS A 74 -1.55 10.72 8.88
C HIS A 74 -1.13 9.26 8.79
N ASN A 75 -2.11 8.36 8.89
CA ASN A 75 -1.85 6.93 8.78
C ASN A 75 -0.87 6.44 9.83
N GLU A 76 -1.13 6.70 11.10
CA GLU A 76 -0.22 6.26 12.13
C GLU A 76 -0.36 4.76 12.39
N ARG A 77 0.77 4.11 12.69
CA ARG A 77 0.78 2.70 12.94
C ARG A 77 1.79 2.34 14.04
N MET A 78 1.44 1.38 14.88
CA MET A 78 2.33 0.94 15.95
C MET A 78 3.21 -0.17 15.39
N LEU A 79 4.53 0.06 15.33
CA LEU A 79 5.45 -0.95 14.81
C LEU A 79 6.68 -1.14 15.68
N PHE A 80 7.28 -2.31 15.58
CA PHE A 80 8.47 -2.66 16.33
C PHE A 80 9.75 -2.27 15.59
N HIS A 81 10.76 -1.88 16.35
CA HIS A 81 12.07 -1.52 15.82
C HIS A 81 13.13 -2.11 16.74
N GLY A 82 14.04 -2.88 16.16
CA GLY A 82 15.14 -3.47 16.91
C GLY A 82 16.43 -3.03 16.24
N SER A 83 17.42 -2.62 17.01
CA SER A 83 18.71 -2.18 16.47
C SER A 83 19.66 -1.91 17.63
N PRO A 84 20.94 -1.63 17.34
CA PRO A 84 21.88 -1.37 18.43
C PRO A 84 21.89 0.08 18.90
N PHE A 85 21.06 0.92 18.31
CA PHE A 85 21.04 2.33 18.66
C PHE A 85 19.87 2.72 19.55
N ILE A 86 19.22 1.73 20.15
CA ILE A 86 18.05 1.99 20.99
C ILE A 86 18.30 2.98 22.12
N ASN A 87 19.42 2.85 22.81
CA ASN A 87 19.66 3.78 23.92
C ASN A 87 19.85 5.20 23.44
N ALA A 88 20.51 5.36 22.29
CA ALA A 88 20.73 6.69 21.74
C ALA A 88 19.38 7.23 21.28
N ILE A 89 18.57 6.35 20.69
CA ILE A 89 17.26 6.72 20.19
C ILE A 89 16.31 7.19 21.30
N ILE A 90 16.22 6.47 22.41
CA ILE A 90 15.29 6.89 23.46
C ILE A 90 15.62 8.22 24.11
N HIS A 91 16.87 8.66 24.01
CA HIS A 91 17.26 9.93 24.61
C HIS A 91 17.20 11.14 23.69
N LYS A 92 17.55 10.94 22.42
CA LYS A 92 17.55 12.05 21.46
C LYS A 92 16.49 11.90 20.39
N GLY A 93 15.87 10.73 20.32
CA GLY A 93 14.86 10.51 19.31
C GLY A 93 15.54 9.96 18.07
N PHE A 94 14.74 9.42 17.16
CA PHE A 94 15.26 8.87 15.92
C PHE A 94 15.94 10.00 15.14
N ASP A 95 17.14 9.74 14.64
CA ASP A 95 17.90 10.72 13.88
C ASP A 95 18.33 10.11 12.55
N GLU A 96 17.59 10.42 11.48
CA GLU A 96 17.89 9.88 10.16
C GLU A 96 19.27 10.22 9.60
N ARG A 97 19.98 11.16 10.23
CA ARG A 97 21.32 11.53 9.76
C ARG A 97 22.30 10.37 10.00
N HIS A 98 21.93 9.43 10.86
CA HIS A 98 22.75 8.26 11.17
C HIS A 98 22.38 7.05 10.32
N ALA A 99 21.43 7.25 9.39
CA ALA A 99 20.94 6.20 8.51
C ALA A 99 21.97 5.67 7.52
N TYR A 100 21.88 4.36 7.27
CA TYR A 100 22.75 3.68 6.32
C TYR A 100 22.17 3.75 4.91
N ILE A 101 22.91 4.45 4.05
CA ILE A 101 22.54 4.65 2.68
C ILE A 101 22.50 3.34 1.89
N GLY A 102 23.12 2.30 2.43
CA GLY A 102 23.12 1.01 1.76
C GLY A 102 22.06 0.01 2.26
N GLY A 103 20.93 0.51 2.73
CA GLY A 103 19.87 -0.37 3.19
C GLY A 103 19.10 -0.88 1.99
N MET A 104 18.47 -2.04 2.10
CA MET A 104 17.75 -2.56 0.95
C MET A 104 16.86 -1.47 0.35
N PHE A 105 16.35 -0.54 1.16
CA PHE A 105 15.51 0.51 0.62
C PHE A 105 16.06 1.90 0.93
N GLY A 106 17.38 2.01 1.08
CA GLY A 106 17.96 3.31 1.33
C GLY A 106 18.22 3.78 2.74
N ALA A 107 18.63 5.04 2.84
CA ALA A 107 18.97 5.69 4.09
C ALA A 107 17.75 6.11 4.92
N GLY A 108 17.02 5.11 5.39
CA GLY A 108 15.85 5.37 6.19
C GLY A 108 15.91 4.58 7.49
N ILE A 109 14.89 4.73 8.31
CA ILE A 109 14.79 4.03 9.58
C ILE A 109 13.75 2.93 9.31
N TYR A 110 14.12 1.69 9.65
CA TYR A 110 13.28 0.52 9.41
C TYR A 110 12.49 -0.04 10.61
N PHE A 111 11.26 -0.46 10.32
CA PHE A 111 10.35 -1.02 11.30
C PHE A 111 9.67 -2.28 10.76
N ALA A 112 9.05 -3.06 11.64
CA ALA A 112 8.36 -4.27 11.23
C ALA A 112 7.15 -4.50 12.13
N GLU A 113 6.16 -5.23 11.63
CA GLU A 113 4.99 -5.48 12.45
C GLU A 113 5.17 -6.76 13.26
N ASN A 114 6.18 -7.55 12.90
CA ASN A 114 6.47 -8.80 13.60
C ASN A 114 7.65 -8.64 14.56
N SER A 115 7.42 -8.88 15.84
CA SER A 115 8.48 -8.74 16.82
C SER A 115 9.68 -9.63 16.50
N SER A 116 9.43 -10.85 16.01
CA SER A 116 10.53 -11.76 15.69
C SER A 116 11.40 -11.23 14.56
N LYS A 117 10.85 -10.40 13.69
CA LYS A 117 11.66 -9.84 12.60
C LYS A 117 12.61 -8.80 13.21
N SER A 118 12.07 -7.95 14.07
CA SER A 118 12.86 -6.92 14.72
C SER A 118 13.95 -7.51 15.63
N ASN A 119 13.66 -8.64 16.26
CA ASN A 119 14.64 -9.30 17.12
C ASN A 119 15.88 -9.70 16.33
N GLN A 120 15.73 -9.88 15.02
CA GLN A 120 16.85 -10.24 14.17
C GLN A 120 17.83 -9.09 14.00
N TYR A 121 17.42 -7.87 14.37
CA TYR A 121 18.30 -6.73 14.21
C TYR A 121 18.84 -6.17 15.51
N VAL A 122 18.51 -6.78 16.65
CA VAL A 122 19.00 -6.27 17.92
C VAL A 122 20.52 -6.08 17.97
N TYR A 123 21.29 -7.06 17.49
CA TYR A 123 22.74 -6.93 17.52
C TYR A 123 23.34 -6.59 16.15
N GLY A 124 22.54 -5.96 15.29
CA GLY A 124 23.04 -5.58 13.99
C GLY A 124 22.52 -6.37 12.81
N ILE A 125 23.04 -6.06 11.63
CA ILE A 125 22.64 -6.70 10.40
C ILE A 125 22.74 -8.22 10.50
N GLY A 126 21.64 -8.90 10.17
CA GLY A 126 21.64 -10.35 10.24
C GLY A 126 21.97 -10.89 11.61
N GLY A 127 21.92 -10.02 12.63
CA GLY A 127 22.24 -10.47 13.97
C GLY A 127 23.70 -10.25 14.32
N GLY A 128 24.44 -9.58 13.44
CA GLY A 128 25.86 -9.32 13.68
C GLY A 128 26.60 -10.50 14.28
N THR A 129 27.40 -10.23 15.30
CA THR A 129 28.14 -11.29 16.00
C THR A 129 27.47 -11.67 17.32
N GLY A 130 26.20 -11.30 17.46
CA GLY A 130 25.51 -11.63 18.70
C GLY A 130 25.80 -10.69 19.87
N CYS A 131 25.35 -11.08 21.05
CA CYS A 131 25.54 -10.28 22.26
C CYS A 131 27.01 -9.95 22.48
N PRO A 132 27.28 -8.76 23.02
CA PRO A 132 28.66 -8.32 23.27
C PRO A 132 29.41 -9.32 24.16
N THR A 133 28.81 -9.64 25.30
CA THR A 133 29.40 -10.56 26.27
C THR A 133 29.67 -12.00 25.84
N HIS A 134 28.75 -12.60 25.11
CA HIS A 134 28.93 -14.00 24.69
C HIS A 134 29.11 -14.25 23.21
N LYS A 135 29.01 -13.21 22.40
CA LYS A 135 29.14 -13.36 20.95
C LYS A 135 28.24 -14.52 20.52
N ASP A 136 27.04 -14.54 21.07
CA ASP A 136 26.03 -15.56 20.81
C ASP A 136 24.75 -14.90 20.29
N ARG A 137 24.37 -15.14 19.05
CA ARG A 137 23.15 -14.53 18.49
C ARG A 137 21.88 -15.16 19.08
N SER A 138 22.04 -16.32 19.73
CA SER A 138 20.91 -17.01 20.35
C SER A 138 21.09 -17.04 21.86
N CYS A 139 21.68 -15.98 22.41
CA CYS A 139 21.93 -15.88 23.85
C CYS A 139 20.65 -15.80 24.68
N TYR A 140 20.51 -16.74 25.62
CA TYR A 140 19.34 -16.80 26.51
C TYR A 140 19.61 -16.07 27.81
N ILE A 141 20.83 -15.55 27.94
CA ILE A 141 21.27 -14.85 29.13
C ILE A 141 21.09 -13.33 29.08
N CYS A 142 21.75 -12.69 28.13
CA CYS A 142 21.69 -11.24 27.98
C CYS A 142 20.31 -10.69 27.62
N HIS A 143 19.94 -9.61 28.29
CA HIS A 143 18.67 -8.97 28.08
C HIS A 143 18.73 -8.13 26.82
N ARG A 144 17.70 -8.24 26.00
CA ARG A 144 17.63 -7.50 24.76
C ARG A 144 16.61 -6.40 24.94
N GLN A 145 16.63 -5.44 24.00
CA GLN A 145 15.69 -4.35 24.02
C GLN A 145 15.12 -4.15 22.62
N MET A 146 13.88 -3.71 22.56
CA MET A 146 13.25 -3.39 21.30
C MET A 146 12.18 -2.36 21.58
N LEU A 147 11.98 -1.48 20.61
CA LEU A 147 11.03 -0.40 20.72
C LEU A 147 9.73 -0.71 20.01
N PHE A 148 8.62 -0.31 20.62
CA PHE A 148 7.31 -0.45 20.00
C PHE A 148 6.97 1.02 19.81
N CYS A 149 7.01 1.47 18.57
CA CYS A 149 6.81 2.88 18.23
C CYS A 149 5.58 3.28 17.45
N ARG A 150 5.21 4.54 17.61
CA ARG A 150 4.10 5.11 16.86
C ARG A 150 4.84 5.58 15.60
N VAL A 151 4.45 5.07 14.44
CA VAL A 151 5.11 5.49 13.20
C VAL A 151 4.12 6.16 12.24
N THR A 152 4.44 7.40 11.86
CA THR A 152 3.59 8.15 10.95
C THR A 152 3.97 7.77 9.52
N LEU A 153 3.11 6.98 8.87
CA LEU A 153 3.36 6.51 7.52
C LEU A 153 2.79 7.38 6.40
N GLY A 154 1.76 8.16 6.70
CA GLY A 154 1.16 8.98 5.66
C GLY A 154 0.82 8.12 4.47
N LYS A 155 1.17 8.56 3.27
CA LYS A 155 0.90 7.76 2.08
C LYS A 155 2.14 6.92 1.81
N SER A 156 2.00 5.61 1.93
CA SER A 156 3.12 4.68 1.73
C SER A 156 3.32 4.27 0.28
N PHE A 157 4.58 4.18 -0.10
CA PHE A 157 4.93 3.76 -1.45
C PHE A 157 5.30 2.30 -1.43
N LEU A 158 4.58 1.48 -2.18
CA LEU A 158 4.89 0.06 -2.25
C LEU A 158 6.09 -0.21 -3.17
N GLN A 159 7.17 -0.72 -2.61
CA GLN A 159 8.39 -1.03 -3.39
C GLN A 159 8.63 -2.56 -3.41
N PHE A 160 8.77 -3.10 -4.61
CA PHE A 160 9.00 -4.53 -4.78
C PHE A 160 10.49 -4.80 -4.86
N SER A 161 11.09 -4.41 -5.97
CA SER A 161 12.54 -4.58 -6.19
C SER A 161 13.26 -3.51 -5.39
N THR A 162 14.44 -3.88 -4.87
CA THR A 162 15.31 -2.99 -4.10
C THR A 162 15.49 -1.62 -4.76
N MET A 163 15.59 -0.57 -3.95
CA MET A 163 15.73 0.81 -4.44
C MET A 163 16.43 1.68 -3.35
N LYS A 164 17.66 2.11 -3.62
CA LYS A 164 18.49 2.90 -2.69
C LYS A 164 18.07 4.35 -2.60
N MET A 165 16.89 4.56 -2.04
CA MET A 165 16.37 5.91 -1.87
C MET A 165 17.01 6.66 -0.69
N ALA A 166 16.88 7.99 -0.80
CA ALA A 166 17.38 8.93 0.19
C ALA A 166 16.17 9.55 0.90
N HIS A 167 15.07 9.65 0.16
CA HIS A 167 13.85 10.20 0.71
C HIS A 167 12.65 9.41 0.18
N ALA A 168 11.48 9.70 0.72
CA ALA A 168 10.25 9.03 0.28
C ALA A 168 9.99 9.55 -1.14
N PRO A 169 9.39 8.72 -2.02
CA PRO A 169 9.11 9.15 -3.40
C PRO A 169 8.22 10.37 -3.39
N PRO A 170 8.31 11.19 -4.45
CA PRO A 170 7.44 12.37 -4.47
C PRO A 170 6.00 11.95 -4.18
N GLY A 171 5.29 12.74 -3.40
CA GLY A 171 3.91 12.44 -3.08
C GLY A 171 3.72 11.39 -1.98
N HIS A 172 4.81 10.86 -1.45
CA HIS A 172 4.71 9.84 -0.40
C HIS A 172 5.51 10.22 0.85
N HIS A 173 5.25 9.51 1.96
CA HIS A 173 5.94 9.80 3.21
C HIS A 173 6.59 8.56 3.85
N SER A 174 6.46 7.42 3.19
CA SER A 174 7.05 6.18 3.71
C SER A 174 7.11 5.16 2.61
N VAL A 175 7.97 4.16 2.82
CA VAL A 175 8.16 3.08 1.86
C VAL A 175 7.88 1.75 2.57
N ILE A 176 7.22 0.83 1.86
CA ILE A 176 6.94 -0.49 2.41
C ILE A 176 7.40 -1.51 1.38
N GLY A 177 8.37 -2.34 1.77
CA GLY A 177 8.87 -3.37 0.87
C GLY A 177 8.58 -4.74 1.43
N ARG A 178 8.34 -5.70 0.53
CA ARG A 178 8.10 -7.07 0.93
C ARG A 178 9.26 -7.94 0.47
N PRO A 179 10.18 -8.21 1.39
CA PRO A 179 11.38 -8.99 1.16
C PRO A 179 11.26 -10.52 1.28
N SER A 180 12.14 -11.16 0.52
CA SER A 180 12.29 -12.60 0.38
C SER A 180 13.43 -13.17 1.19
N VAL A 181 13.22 -14.40 1.72
CA VAL A 181 14.20 -15.17 2.52
C VAL A 181 14.37 -16.53 1.82
N ASN A 182 13.68 -17.52 2.36
CA ASN A 182 13.67 -18.86 1.77
C ASN A 182 12.18 -19.17 1.57
N GLY A 183 11.45 -18.18 1.07
CA GLY A 183 10.02 -18.37 0.88
C GLY A 183 9.11 -17.39 1.57
N LEU A 184 9.38 -17.05 2.82
CA LEU A 184 8.49 -16.10 3.54
C LEU A 184 8.88 -14.67 3.39
N ALA A 185 7.91 -13.81 3.11
CA ALA A 185 8.10 -12.40 2.96
C ALA A 185 7.31 -11.75 4.08
N TYR A 186 7.90 -10.76 4.74
CA TYR A 186 7.30 -9.98 5.82
C TYR A 186 7.54 -8.56 5.38
N ALA A 187 6.67 -7.64 5.77
CA ALA A 187 6.85 -6.27 5.31
C ALA A 187 7.84 -5.50 6.15
N GLU A 188 8.44 -4.50 5.52
CA GLU A 188 9.38 -3.62 6.18
C GLU A 188 8.77 -2.25 5.91
N TYR A 189 8.69 -1.45 6.96
CA TYR A 189 8.14 -0.13 6.88
C TYR A 189 9.32 0.82 7.07
N VAL A 190 9.52 1.71 6.12
CA VAL A 190 10.65 2.64 6.15
C VAL A 190 10.27 4.11 6.09
N ILE A 191 10.90 4.92 6.95
CA ILE A 191 10.68 6.36 6.97
C ILE A 191 12.07 6.96 6.76
N TYR A 192 12.12 8.21 6.32
CA TYR A 192 13.39 8.87 6.05
C TYR A 192 13.55 10.17 6.81
N ARG A 193 12.74 10.32 7.85
CA ARG A 193 12.73 11.49 8.72
C ARG A 193 12.51 10.99 10.15
N GLY A 194 13.49 11.20 11.02
CA GLY A 194 13.36 10.75 12.40
C GLY A 194 12.07 11.12 13.11
N GLU A 195 11.50 12.28 12.76
CA GLU A 195 10.27 12.72 13.42
C GLU A 195 9.00 11.99 12.98
N GLN A 196 9.11 10.97 12.13
CA GLN A 196 7.92 10.21 11.74
C GLN A 196 7.79 8.95 12.56
N ALA A 197 8.51 8.91 13.67
CA ALA A 197 8.49 7.79 14.60
C ALA A 197 8.75 8.32 16.01
N TYR A 198 7.99 7.79 16.97
CA TYR A 198 8.13 8.14 18.37
C TYR A 198 8.34 6.82 19.12
N PRO A 199 9.45 6.69 19.87
CA PRO A 199 9.74 5.45 20.62
C PRO A 199 8.87 5.31 21.86
N GLU A 200 7.59 5.02 21.66
CA GLU A 200 6.60 4.86 22.72
C GLU A 200 6.96 3.95 23.88
N TYR A 201 7.31 2.71 23.55
CA TYR A 201 7.62 1.72 24.57
C TYR A 201 9.00 1.11 24.44
N LEU A 202 9.69 0.99 25.57
CA LEU A 202 11.00 0.37 25.60
C LEU A 202 10.79 -0.98 26.27
N ILE A 203 10.98 -2.04 25.50
CA ILE A 203 10.78 -3.40 26.00
C ILE A 203 12.10 -4.12 26.30
N THR A 204 12.25 -4.60 27.54
CA THR A 204 13.44 -5.33 27.94
C THR A 204 13.03 -6.79 28.05
N TYR A 205 13.71 -7.66 27.32
CA TYR A 205 13.34 -9.06 27.30
C TYR A 205 14.50 -10.01 26.96
N GLN A 206 14.19 -11.30 27.01
CA GLN A 206 15.11 -12.38 26.69
C GLN A 206 14.36 -13.34 25.78
N ILE A 207 15.07 -13.98 24.87
CA ILE A 207 14.41 -14.98 24.04
C ILE A 207 14.48 -16.22 24.93
N MET A 208 13.55 -17.15 24.75
CA MET A 208 13.56 -18.33 25.60
C MET A 208 13.76 -19.63 24.81
N LYS A 209 14.55 -20.52 25.39
CA LYS A 209 14.84 -21.79 24.76
C LYS A 209 13.59 -22.63 24.61
N PRO A 210 13.45 -23.33 23.47
CA PRO A 210 12.29 -24.19 23.24
C PRO A 210 12.29 -25.17 24.40
N GLU A 211 11.14 -25.34 25.05
CA GLU A 211 11.05 -26.25 26.18
C GLU A 211 11.24 -27.73 25.83
N HIS A 212 11.73 -28.52 26.79
CA HIS A 212 11.98 -29.93 26.56
C HIS A 212 10.93 -30.85 27.18
N GLN B 1 -35.39 3.56 -9.44
CA GLN B 1 -34.96 2.16 -9.19
C GLN B 1 -33.63 1.87 -9.88
N GLY B 2 -33.58 2.15 -11.18
CA GLY B 2 -32.36 1.88 -11.92
C GLY B 2 -31.26 2.92 -11.83
N THR B 3 -30.32 2.84 -12.76
CA THR B 3 -29.22 3.79 -12.82
C THR B 3 -29.73 5.07 -13.49
N ILE B 4 -29.19 6.18 -13.03
CA ILE B 4 -29.50 7.51 -13.56
C ILE B 4 -28.15 8.09 -13.97
N LEU B 5 -28.11 8.84 -15.07
CA LEU B 5 -26.86 9.45 -15.50
C LEU B 5 -27.03 10.96 -15.43
N LEU B 6 -26.16 11.64 -14.68
CA LEU B 6 -26.24 13.10 -14.56
C LEU B 6 -25.18 13.79 -15.41
N ASP B 7 -25.63 14.59 -16.36
CA ASP B 7 -24.71 15.30 -17.22
C ASP B 7 -23.97 16.40 -16.46
N LEU B 8 -22.65 16.45 -16.60
CA LEU B 8 -21.88 17.49 -15.93
C LEU B 8 -21.65 18.61 -16.93
N ALA B 9 -21.75 19.85 -16.45
CA ALA B 9 -21.55 21.02 -17.29
C ALA B 9 -20.07 21.31 -17.48
N PRO B 10 -19.64 21.57 -18.73
CA PRO B 10 -18.25 21.87 -19.09
C PRO B 10 -17.65 22.96 -18.21
N GLU B 11 -18.53 23.84 -17.72
CA GLU B 11 -18.12 24.94 -16.88
C GLU B 11 -18.03 24.54 -15.39
N ASP B 12 -18.26 23.26 -15.12
CA ASP B 12 -18.24 22.71 -13.77
C ASP B 12 -16.83 22.30 -13.36
N LYS B 13 -16.41 22.68 -12.17
CA LYS B 13 -15.08 22.31 -11.68
C LYS B 13 -14.98 20.79 -11.68
N GLU B 14 -16.08 20.10 -11.40
CA GLU B 14 -16.04 18.64 -11.37
C GLU B 14 -15.76 18.07 -12.76
N TYR B 15 -16.46 18.57 -13.78
CA TYR B 15 -16.27 18.13 -15.15
C TYR B 15 -14.80 18.35 -15.58
N GLN B 16 -14.29 19.53 -15.28
CA GLN B 16 -12.94 19.91 -15.64
C GLN B 16 -11.88 19.03 -15.02
N SER B 17 -12.01 18.77 -13.73
CA SER B 17 -11.08 17.94 -12.98
C SER B 17 -10.96 16.56 -13.63
N VAL B 18 -12.08 16.03 -14.11
CA VAL B 18 -12.09 14.73 -14.75
C VAL B 18 -11.47 14.74 -16.15
N GLU B 19 -11.82 15.71 -16.98
CA GLU B 19 -11.24 15.76 -18.32
C GLU B 19 -9.73 15.98 -18.22
N GLU B 20 -9.28 16.77 -17.25
CA GLU B 20 -7.84 17.04 -17.09
C GLU B 20 -7.14 15.74 -16.75
N GLU B 21 -7.75 14.97 -15.85
CA GLU B 21 -7.15 13.70 -15.46
C GLU B 21 -7.08 12.77 -16.63
N MET B 22 -8.08 12.84 -17.51
CA MET B 22 -8.10 11.98 -18.67
C MET B 22 -7.10 12.38 -19.74
N GLN B 23 -7.02 13.67 -20.01
CA GLN B 23 -6.12 14.19 -21.02
C GLN B 23 -4.66 14.11 -20.59
N SER B 24 -4.37 14.55 -19.37
CA SER B 24 -3.01 14.54 -18.86
C SER B 24 -2.41 13.15 -18.64
N THR B 25 -3.23 12.10 -18.62
CA THR B 25 -2.71 10.75 -18.41
C THR B 25 -2.53 9.97 -19.71
N ILE B 26 -2.53 10.67 -20.83
CA ILE B 26 -2.31 10.01 -22.10
C ILE B 26 -0.84 9.70 -22.16
N ARG B 27 -0.50 8.47 -22.49
CA ARG B 27 0.91 8.11 -22.55
C ARG B 27 1.28 7.47 -23.87
N GLU B 28 2.60 7.45 -24.07
CA GLU B 28 3.29 6.90 -25.23
C GLU B 28 3.30 5.36 -25.08
N HIS B 29 2.73 4.62 -26.04
CA HIS B 29 2.70 3.16 -25.89
C HIS B 29 3.76 2.38 -26.65
N ARG B 30 3.87 1.09 -26.31
CA ARG B 30 4.84 0.18 -26.94
C ARG B 30 4.29 -0.44 -28.22
N ASP B 31 3.02 -0.18 -28.49
CA ASP B 31 2.34 -0.72 -29.68
C ASP B 31 2.77 -0.05 -30.99
N GLY B 32 2.10 1.06 -31.28
CA GLY B 32 2.34 1.83 -32.48
C GLY B 32 1.04 2.58 -32.74
N GLY B 33 0.14 2.47 -31.77
CA GLY B 33 -1.17 3.10 -31.89
C GLY B 33 -1.99 1.98 -32.49
N ASN B 34 -1.49 0.78 -32.28
CA ASN B 34 -2.11 -0.42 -32.81
C ASN B 34 -3.41 -0.83 -32.15
N ALA B 35 -3.43 -0.86 -30.82
CA ALA B 35 -4.62 -1.27 -30.08
C ALA B 35 -5.62 -0.15 -29.87
N GLY B 36 -5.12 1.05 -29.59
CA GLY B 36 -6.00 2.18 -29.36
C GLY B 36 -6.05 3.26 -30.44
N GLY B 37 -5.22 3.14 -31.46
CA GLY B 37 -5.22 4.15 -32.52
C GLY B 37 -4.23 5.25 -32.23
N ILE B 38 -3.89 6.03 -33.26
CA ILE B 38 -2.92 7.11 -33.13
C ILE B 38 -3.58 8.45 -32.80
N PHE B 39 -3.09 9.11 -31.75
CA PHE B 39 -3.67 10.38 -31.33
C PHE B 39 -2.83 10.99 -30.22
N ASN B 40 -3.00 12.28 -29.97
CA ASN B 40 -2.23 12.92 -28.90
C ASN B 40 -3.14 13.66 -27.92
N ARG B 41 -4.44 13.52 -28.08
CA ARG B 41 -5.40 14.18 -27.20
C ARG B 41 -6.78 13.64 -27.49
N TYR B 42 -7.73 13.89 -26.61
CA TYR B 42 -9.09 13.40 -26.83
C TYR B 42 -10.01 14.57 -27.08
N ASN B 43 -11.21 14.25 -27.53
CA ASN B 43 -12.27 15.22 -27.68
C ASN B 43 -13.27 14.65 -26.68
N VAL B 44 -13.35 15.24 -25.49
CA VAL B 44 -14.30 14.75 -24.48
C VAL B 44 -15.63 15.40 -24.83
N ILE B 45 -16.57 14.57 -25.27
CA ILE B 45 -17.90 15.01 -25.70
C ILE B 45 -18.92 15.13 -24.58
N ARG B 46 -18.77 14.33 -23.55
CA ARG B 46 -19.75 14.31 -22.48
C ARG B 46 -19.24 13.57 -21.27
N ILE B 47 -19.64 14.03 -20.10
CA ILE B 47 -19.25 13.38 -18.85
C ILE B 47 -20.48 13.31 -17.96
N GLN B 48 -20.83 12.09 -17.54
CA GLN B 48 -22.00 11.89 -16.70
C GLN B 48 -21.67 11.13 -15.43
N LYS B 49 -22.27 11.55 -14.32
CA LYS B 49 -22.09 10.90 -13.03
C LYS B 49 -23.07 9.73 -12.99
N VAL B 50 -22.60 8.55 -12.62
CA VAL B 50 -23.46 7.38 -12.56
C VAL B 50 -24.10 7.29 -11.17
N VAL B 51 -25.42 7.47 -11.12
CA VAL B 51 -26.11 7.42 -9.84
C VAL B 51 -26.99 6.16 -9.72
N ASN B 52 -26.67 5.33 -8.73
CA ASN B 52 -27.39 4.09 -8.47
C ASN B 52 -27.30 3.79 -6.97
N LYS B 53 -28.36 4.12 -6.24
CA LYS B 53 -28.41 3.91 -4.79
C LYS B 53 -28.05 2.50 -4.34
N LYS B 54 -28.62 1.49 -5.00
CA LYS B 54 -28.34 0.12 -4.63
C LYS B 54 -26.83 -0.20 -4.75
N LEU B 55 -26.27 0.03 -5.93
CA LEU B 55 -24.84 -0.19 -6.21
C LEU B 55 -23.95 0.51 -5.20
N ARG B 56 -24.26 1.78 -4.93
CA ARG B 56 -23.51 2.59 -3.98
C ARG B 56 -23.56 1.90 -2.60
N GLU B 57 -24.66 1.20 -2.33
CA GLU B 57 -24.85 0.48 -1.07
C GLU B 57 -23.87 -0.67 -0.94
N ARG B 58 -23.89 -1.57 -1.92
CA ARG B 58 -23.01 -2.74 -1.88
C ARG B 58 -21.57 -2.25 -1.84
N PHE B 59 -21.27 -1.23 -2.66
CA PHE B 59 -19.94 -0.66 -2.72
C PHE B 59 -19.47 -0.22 -1.35
N CYS B 60 -20.27 0.61 -0.68
CA CYS B 60 -19.89 1.11 0.64
C CYS B 60 -19.85 -0.01 1.68
N HIS B 61 -20.76 -0.97 1.58
CA HIS B 61 -20.78 -2.07 2.54
C HIS B 61 -19.45 -2.83 2.47
N ARG B 62 -18.96 -3.07 1.25
CA ARG B 62 -17.70 -3.77 1.06
C ARG B 62 -16.50 -2.92 1.50
N GLN B 63 -16.59 -1.62 1.25
CA GLN B 63 -15.52 -0.71 1.62
C GLN B 63 -15.29 -0.78 3.14
N LYS B 64 -16.39 -0.91 3.90
CA LYS B 64 -16.29 -1.01 5.35
C LYS B 64 -15.66 -2.34 5.76
N GLU B 65 -16.01 -3.42 5.03
CA GLU B 65 -15.44 -4.72 5.34
C GLU B 65 -13.92 -4.63 5.13
N VAL B 66 -13.50 -4.03 4.01
CA VAL B 66 -12.08 -3.92 3.70
C VAL B 66 -11.36 -3.07 4.74
N SER B 67 -11.96 -1.94 5.13
CA SER B 67 -11.35 -1.10 6.14
C SER B 67 -11.03 -1.87 7.42
N GLU B 68 -11.96 -2.71 7.88
CA GLU B 68 -11.76 -3.46 9.13
C GLU B 68 -10.64 -4.48 9.05
N GLU B 69 -10.59 -5.08 7.88
CA GLU B 69 -9.67 -6.15 7.51
C GLU B 69 -8.30 -5.60 7.11
N ASN B 70 -8.17 -4.28 7.10
CA ASN B 70 -6.92 -3.63 6.70
C ASN B 70 -6.58 -2.38 7.49
N HIS B 71 -6.29 -2.56 8.77
CA HIS B 71 -5.93 -1.46 9.66
C HIS B 71 -6.76 -0.19 9.44
N ASN B 72 -8.03 -0.38 9.10
CA ASN B 72 -8.98 0.73 8.90
C ASN B 72 -8.69 1.64 7.72
N HIS B 73 -8.12 1.05 6.67
CA HIS B 73 -7.81 1.78 5.45
C HIS B 73 -8.37 1.01 4.28
N HIS B 74 -9.36 1.58 3.60
CA HIS B 74 -9.93 0.89 2.46
C HIS B 74 -9.10 1.27 1.24
N ASN B 75 -8.29 2.32 1.42
CA ASN B 75 -7.39 2.88 0.41
C ASN B 75 -7.98 2.88 -1.00
N GLU B 76 -9.03 3.69 -1.16
CA GLU B 76 -9.75 3.87 -2.40
C GLU B 76 -8.91 4.72 -3.33
N ARG B 77 -9.10 4.57 -4.63
CA ARG B 77 -8.37 5.34 -5.62
C ARG B 77 -9.25 5.51 -6.85
N MET B 78 -9.09 6.64 -7.52
CA MET B 78 -9.85 6.91 -8.73
C MET B 78 -8.98 6.34 -9.83
N LEU B 79 -9.53 5.41 -10.60
CA LEU B 79 -8.81 4.78 -11.69
C LEU B 79 -9.70 4.71 -12.92
N PHE B 80 -9.07 4.52 -14.07
CA PHE B 80 -9.75 4.41 -15.36
C PHE B 80 -10.01 2.95 -15.73
N HIS B 81 -11.10 2.71 -16.45
CA HIS B 81 -11.44 1.38 -16.94
C HIS B 81 -12.14 1.50 -18.29
N GLY B 82 -11.70 0.69 -19.25
CA GLY B 82 -12.29 0.69 -20.58
C GLY B 82 -12.53 -0.74 -21.03
N SER B 83 -13.60 -0.97 -21.78
CA SER B 83 -13.90 -2.31 -22.26
C SER B 83 -15.29 -2.34 -22.89
N PRO B 84 -15.59 -3.37 -23.67
CA PRO B 84 -16.89 -3.53 -24.34
C PRO B 84 -18.06 -3.71 -23.40
N PHE B 85 -17.80 -3.73 -22.10
CA PHE B 85 -18.89 -3.96 -21.16
C PHE B 85 -19.37 -2.75 -20.33
N ILE B 86 -19.02 -1.54 -20.75
CA ILE B 86 -19.43 -0.34 -20.00
C ILE B 86 -20.93 -0.20 -19.79
N ASN B 87 -21.70 -0.40 -20.85
CA ASN B 87 -23.14 -0.25 -20.69
C ASN B 87 -23.70 -1.24 -19.69
N ALA B 88 -23.12 -2.43 -19.64
CA ALA B 88 -23.59 -3.44 -18.69
C ALA B 88 -23.23 -3.00 -17.28
N ILE B 89 -21.99 -2.53 -17.13
CA ILE B 89 -21.48 -2.08 -15.84
C ILE B 89 -22.25 -0.89 -15.23
N ILE B 90 -22.61 0.11 -16.04
CA ILE B 90 -23.32 1.24 -15.47
C ILE B 90 -24.75 0.93 -15.03
N HIS B 91 -25.31 -0.17 -15.50
CA HIS B 91 -26.68 -0.53 -15.11
C HIS B 91 -26.75 -1.58 -13.99
N LYS B 92 -25.86 -2.56 -14.03
CA LYS B 92 -25.85 -3.63 -13.04
C LYS B 92 -24.61 -3.66 -12.15
N GLY B 93 -23.62 -2.81 -12.44
CA GLY B 93 -22.40 -2.77 -11.67
C GLY B 93 -21.34 -3.73 -12.24
N PHE B 94 -20.10 -3.66 -11.74
CA PHE B 94 -19.06 -4.58 -12.19
C PHE B 94 -19.48 -5.97 -11.69
N ASP B 95 -19.36 -7.00 -12.52
CA ASP B 95 -19.73 -8.37 -12.14
C ASP B 95 -18.59 -9.32 -12.49
N GLU B 96 -17.87 -9.79 -11.47
CA GLU B 96 -16.72 -10.68 -11.66
C GLU B 96 -17.05 -11.97 -12.39
N ARG B 97 -18.30 -12.39 -12.32
CA ARG B 97 -18.71 -13.63 -12.96
C ARG B 97 -18.44 -13.63 -14.46
N HIS B 98 -18.23 -12.45 -15.03
CA HIS B 98 -17.95 -12.30 -16.45
C HIS B 98 -16.45 -12.15 -16.71
N ALA B 99 -15.67 -12.06 -15.65
CA ALA B 99 -14.23 -11.91 -15.82
C ALA B 99 -13.65 -13.17 -16.47
N TYR B 100 -12.50 -13.02 -17.14
CA TYR B 100 -11.83 -14.12 -17.87
C TYR B 100 -10.72 -14.82 -17.07
N ILE B 101 -10.91 -16.09 -16.68
CA ILE B 101 -9.91 -16.76 -15.85
C ILE B 101 -8.50 -16.60 -16.44
N GLY B 102 -8.42 -16.69 -17.77
CA GLY B 102 -7.18 -16.61 -18.50
C GLY B 102 -6.51 -15.27 -18.76
N GLY B 103 -6.79 -14.25 -17.95
CA GLY B 103 -6.16 -12.96 -18.18
C GLY B 103 -4.78 -12.89 -17.55
N MET B 104 -4.00 -11.87 -17.90
CA MET B 104 -2.65 -11.75 -17.39
C MET B 104 -2.53 -12.06 -15.91
N PHE B 105 -3.46 -11.56 -15.11
CA PHE B 105 -3.41 -11.81 -13.68
C PHE B 105 -4.68 -12.49 -13.15
N GLY B 106 -5.35 -13.27 -13.99
CA GLY B 106 -6.54 -13.97 -13.52
C GLY B 106 -7.91 -13.43 -13.91
N ALA B 107 -8.93 -13.94 -13.21
CA ALA B 107 -10.32 -13.58 -13.47
C ALA B 107 -10.80 -12.39 -12.62
N GLY B 108 -10.16 -11.25 -12.81
CA GLY B 108 -10.53 -10.08 -12.08
C GLY B 108 -10.92 -8.97 -13.04
N ILE B 109 -11.16 -7.80 -12.48
CA ILE B 109 -11.52 -6.63 -13.26
C ILE B 109 -10.32 -5.70 -13.20
N TYR B 110 -9.84 -5.30 -14.38
CA TYR B 110 -8.64 -4.45 -14.49
C TYR B 110 -8.90 -2.96 -14.68
N PHE B 111 -8.06 -2.15 -14.04
CA PHE B 111 -8.12 -0.70 -14.09
C PHE B 111 -6.70 -0.17 -14.33
N ALA B 112 -6.58 1.09 -14.77
CA ALA B 112 -5.27 1.68 -15.01
C ALA B 112 -5.31 3.13 -14.66
N GLU B 113 -4.16 3.67 -14.26
CA GLU B 113 -4.08 5.07 -13.87
C GLU B 113 -4.12 5.94 -15.12
N ASN B 114 -3.54 5.44 -16.21
CA ASN B 114 -3.46 6.18 -17.48
C ASN B 114 -4.63 5.93 -18.42
N SER B 115 -5.30 7.01 -18.80
CA SER B 115 -6.43 6.94 -19.70
C SER B 115 -6.04 6.25 -21.00
N SER B 116 -4.86 6.58 -21.51
CA SER B 116 -4.41 5.97 -22.77
C SER B 116 -4.31 4.44 -22.72
N LYS B 117 -4.03 3.87 -21.56
CA LYS B 117 -3.94 2.41 -21.47
C LYS B 117 -5.32 1.77 -21.56
N SER B 118 -6.29 2.33 -20.85
CA SER B 118 -7.66 1.81 -20.87
C SER B 118 -8.23 1.96 -22.26
N ASN B 119 -7.82 3.02 -22.95
CA ASN B 119 -8.31 3.29 -24.29
C ASN B 119 -8.07 2.11 -25.22
N GLN B 120 -7.01 1.34 -24.95
CA GLN B 120 -6.70 0.18 -25.78
C GLN B 120 -7.74 -0.95 -25.63
N TYR B 121 -8.38 -1.03 -24.48
CA TYR B 121 -9.35 -2.11 -24.25
C TYR B 121 -10.79 -1.79 -24.58
N VAL B 122 -11.07 -0.53 -24.92
CA VAL B 122 -12.45 -0.17 -25.24
C VAL B 122 -13.13 -1.15 -26.20
N TYR B 123 -12.42 -1.57 -27.24
CA TYR B 123 -13.00 -2.51 -28.21
C TYR B 123 -12.57 -3.97 -28.07
N GLY B 124 -12.17 -4.38 -26.86
CA GLY B 124 -11.77 -5.76 -26.66
C GLY B 124 -10.27 -5.88 -26.51
N ILE B 125 -9.78 -7.11 -26.31
CA ILE B 125 -8.33 -7.31 -26.14
C ILE B 125 -7.53 -6.90 -27.36
N GLY B 126 -6.46 -6.14 -27.12
CA GLY B 126 -5.60 -5.70 -28.20
C GLY B 126 -6.26 -4.77 -29.20
N GLY B 127 -7.43 -4.25 -28.87
CA GLY B 127 -8.10 -3.34 -29.77
C GLY B 127 -9.27 -4.00 -30.48
N GLY B 128 -9.30 -5.33 -30.45
CA GLY B 128 -10.36 -6.08 -31.08
C GLY B 128 -10.43 -5.83 -32.57
N THR B 129 -11.63 -5.89 -33.14
CA THR B 129 -11.81 -5.63 -34.57
C THR B 129 -12.08 -4.14 -34.76
N GLY B 130 -11.67 -3.34 -33.78
CA GLY B 130 -11.85 -1.90 -33.84
C GLY B 130 -13.30 -1.50 -33.68
N CYS B 131 -13.65 -0.33 -34.20
CA CYS B 131 -15.02 0.12 -34.08
C CYS B 131 -15.91 -0.86 -34.82
N PRO B 132 -17.15 -1.05 -34.33
CA PRO B 132 -18.10 -1.96 -34.95
C PRO B 132 -18.43 -1.53 -36.39
N THR B 133 -18.68 -0.24 -36.56
CA THR B 133 -19.03 0.30 -37.87
C THR B 133 -17.96 0.31 -38.97
N HIS B 134 -16.74 0.69 -38.63
CA HIS B 134 -15.70 0.73 -39.65
C HIS B 134 -14.58 -0.23 -39.36
N LYS B 135 -14.85 -1.20 -38.48
CA LYS B 135 -13.86 -2.19 -38.10
C LYS B 135 -12.52 -1.45 -38.05
N ASP B 136 -12.53 -0.30 -37.38
CA ASP B 136 -11.35 0.57 -37.28
C ASP B 136 -10.87 0.78 -35.84
N ARG B 137 -9.66 0.30 -35.52
CA ARG B 137 -9.13 0.47 -34.17
C ARG B 137 -8.71 1.91 -33.91
N SER B 138 -8.48 2.66 -34.98
CA SER B 138 -8.03 4.04 -34.85
C SER B 138 -9.09 5.05 -35.34
N CYS B 139 -10.32 4.59 -35.45
CA CYS B 139 -11.42 5.42 -35.90
C CYS B 139 -11.43 6.78 -35.23
N TYR B 140 -11.83 7.82 -35.96
CA TYR B 140 -11.90 9.16 -35.37
C TYR B 140 -13.32 9.63 -35.40
N ILE B 141 -14.19 8.79 -35.95
CA ILE B 141 -15.60 9.10 -36.08
C ILE B 141 -16.45 8.61 -34.91
N CYS B 142 -16.35 7.31 -34.65
CA CYS B 142 -17.08 6.65 -33.58
C CYS B 142 -16.70 7.13 -32.18
N HIS B 143 -17.73 7.32 -31.36
CA HIS B 143 -17.55 7.78 -29.98
C HIS B 143 -17.21 6.61 -29.09
N ARG B 144 -16.29 6.83 -28.16
CA ARG B 144 -15.90 5.78 -27.24
C ARG B 144 -16.38 6.16 -25.85
N GLN B 145 -16.32 5.20 -24.93
CA GLN B 145 -16.72 5.44 -23.56
C GLN B 145 -15.69 4.80 -22.64
N MET B 146 -15.50 5.39 -21.47
CA MET B 146 -14.61 4.83 -20.47
C MET B 146 -15.05 5.34 -19.12
N LEU B 147 -14.71 4.58 -18.10
CA LEU B 147 -15.11 4.94 -16.75
C LEU B 147 -13.97 5.43 -15.89
N PHE B 148 -14.30 6.36 -15.01
CA PHE B 148 -13.35 6.90 -14.05
C PHE B 148 -14.04 6.46 -12.76
N CYS B 149 -13.51 5.39 -12.18
CA CYS B 149 -14.08 4.77 -11.00
C CYS B 149 -13.39 4.92 -9.66
N ARG B 150 -14.17 4.68 -8.61
CA ARG B 150 -13.68 4.68 -7.25
C ARG B 150 -13.37 3.20 -7.05
N VAL B 151 -12.12 2.89 -6.76
CA VAL B 151 -11.71 1.51 -6.57
C VAL B 151 -11.14 1.30 -5.17
N THR B 152 -11.76 0.37 -4.45
CA THR B 152 -11.35 0.03 -3.10
C THR B 152 -10.22 -1.02 -3.22
N LEU B 153 -8.98 -0.57 -3.05
CA LEU B 153 -7.84 -1.44 -3.17
C LEU B 153 -7.47 -2.18 -1.88
N GLY B 154 -7.75 -1.58 -0.73
CA GLY B 154 -7.40 -2.23 0.54
C GLY B 154 -5.93 -2.60 0.48
N LYS B 155 -5.57 -3.78 0.99
CA LYS B 155 -4.16 -4.19 0.92
C LYS B 155 -3.87 -4.81 -0.44
N SER B 156 -3.10 -4.12 -1.26
CA SER B 156 -2.77 -4.60 -2.59
C SER B 156 -1.61 -5.58 -2.60
N PHE B 157 -1.71 -6.58 -3.46
CA PHE B 157 -0.68 -7.58 -3.61
C PHE B 157 0.10 -7.31 -4.91
N LEU B 158 1.40 -7.12 -4.78
CA LEU B 158 2.21 -6.85 -5.97
C LEU B 158 2.63 -8.10 -6.72
N GLN B 159 2.23 -8.22 -7.98
CA GLN B 159 2.59 -9.40 -8.76
C GLN B 159 3.31 -8.99 -10.04
N PHE B 160 4.39 -9.72 -10.34
CA PHE B 160 5.17 -9.50 -11.53
C PHE B 160 5.07 -10.83 -12.25
N SER B 161 4.76 -10.76 -13.55
CA SER B 161 4.65 -11.96 -14.37
C SER B 161 3.31 -12.65 -14.16
N THR B 162 2.67 -13.04 -15.25
CA THR B 162 1.36 -13.69 -15.21
C THR B 162 1.23 -14.61 -14.02
N MET B 163 0.06 -14.59 -13.39
CA MET B 163 -0.22 -15.49 -12.23
C MET B 163 -1.76 -15.61 -12.33
N LYS B 164 -2.27 -16.76 -12.77
CA LYS B 164 -3.71 -16.88 -12.88
C LYS B 164 -4.44 -17.03 -11.54
N MET B 165 -4.74 -15.90 -10.91
CA MET B 165 -5.45 -15.95 -9.65
C MET B 165 -6.94 -15.95 -9.90
N ALA B 166 -7.67 -16.43 -8.91
CA ALA B 166 -9.13 -16.49 -8.95
C ALA B 166 -9.63 -15.42 -8.00
N HIS B 167 -8.85 -15.17 -6.95
CA HIS B 167 -9.17 -14.19 -5.93
C HIS B 167 -7.88 -13.52 -5.48
N ALA B 168 -8.00 -12.44 -4.70
CA ALA B 168 -6.82 -11.75 -4.19
C ALA B 168 -6.12 -12.70 -3.23
N PRO B 169 -4.80 -12.57 -3.06
CA PRO B 169 -4.07 -13.46 -2.16
C PRO B 169 -4.56 -13.33 -0.72
N PRO B 170 -4.43 -14.40 0.08
CA PRO B 170 -4.89 -14.33 1.47
C PRO B 170 -4.30 -13.07 2.10
N GLY B 171 -5.10 -12.38 2.90
CA GLY B 171 -4.62 -11.16 3.54
C GLY B 171 -4.68 -9.90 2.68
N HIS B 172 -5.01 -10.06 1.40
CA HIS B 172 -5.08 -8.92 0.48
C HIS B 172 -6.45 -8.73 -0.16
N HIS B 173 -6.65 -7.55 -0.73
CA HIS B 173 -7.93 -7.21 -1.37
C HIS B 173 -7.80 -6.82 -2.83
N SER B 174 -6.56 -6.67 -3.30
CA SER B 174 -6.32 -6.30 -4.68
C SER B 174 -4.95 -6.76 -5.14
N VAL B 175 -4.68 -6.53 -6.42
CA VAL B 175 -3.41 -6.89 -7.02
C VAL B 175 -2.96 -5.81 -7.98
N ILE B 176 -1.71 -5.39 -7.81
CA ILE B 176 -1.11 -4.41 -8.69
C ILE B 176 -0.12 -5.21 -9.50
N GLY B 177 -0.43 -5.39 -10.77
CA GLY B 177 0.43 -6.17 -11.63
C GLY B 177 1.22 -5.36 -12.61
N ARG B 178 2.52 -5.63 -12.65
CA ARG B 178 3.44 -4.93 -13.56
C ARG B 178 4.14 -5.97 -14.43
N PRO B 179 3.45 -6.41 -15.49
CA PRO B 179 3.93 -7.39 -16.46
C PRO B 179 5.39 -7.16 -16.82
N TYR B 186 3.57 0.39 -17.06
CA TYR B 186 2.80 0.90 -15.93
C TYR B 186 2.19 -0.27 -15.16
N ALA B 187 1.68 0.03 -13.98
CA ALA B 187 1.06 -0.98 -13.16
C ALA B 187 -0.37 -1.20 -13.63
N GLU B 188 -0.90 -2.39 -13.34
CA GLU B 188 -2.27 -2.75 -13.67
C GLU B 188 -2.95 -3.03 -12.33
N TYR B 189 -4.11 -2.41 -12.09
CA TYR B 189 -4.80 -2.62 -10.82
C TYR B 189 -5.93 -3.60 -11.01
N VAL B 190 -5.97 -4.64 -10.18
CA VAL B 190 -6.98 -5.66 -10.33
C VAL B 190 -7.73 -6.03 -9.05
N ILE B 191 -9.05 -6.15 -9.16
CA ILE B 191 -9.88 -6.55 -8.05
C ILE B 191 -10.59 -7.83 -8.50
N TYR B 192 -11.02 -8.64 -7.54
CA TYR B 192 -11.65 -9.90 -7.86
C TYR B 192 -13.08 -9.97 -7.36
N ARG B 193 -13.61 -8.80 -7.01
CA ARG B 193 -14.98 -8.64 -6.54
C ARG B 193 -15.50 -7.35 -7.17
N GLY B 194 -16.62 -7.44 -7.87
CA GLY B 194 -17.21 -6.27 -8.51
C GLY B 194 -17.59 -5.18 -7.53
N GLU B 195 -17.91 -5.55 -6.29
CA GLU B 195 -18.30 -4.55 -5.29
C GLU B 195 -17.13 -3.68 -4.81
N GLN B 196 -15.93 -3.90 -5.33
CA GLN B 196 -14.81 -3.07 -4.90
C GLN B 196 -14.55 -1.95 -5.89
N ALA B 197 -15.50 -1.76 -6.80
CA ALA B 197 -15.39 -0.70 -7.77
C ALA B 197 -16.76 -0.09 -8.05
N TYR B 198 -16.78 1.24 -8.14
CA TYR B 198 -18.01 1.97 -8.45
C TYR B 198 -17.72 2.89 -9.65
N PRO B 199 -18.49 2.74 -10.74
CA PRO B 199 -18.34 3.54 -11.96
C PRO B 199 -18.83 4.97 -11.79
N GLU B 200 -18.08 5.75 -11.03
CA GLU B 200 -18.43 7.14 -10.73
C GLU B 200 -18.78 8.03 -11.93
N TYR B 201 -17.87 8.07 -12.90
CA TYR B 201 -18.06 8.93 -14.07
C TYR B 201 -18.05 8.16 -15.37
N LEU B 202 -19.02 8.45 -16.24
CA LEU B 202 -19.08 7.83 -17.55
C LEU B 202 -18.59 8.90 -18.52
N ILE B 203 -17.47 8.61 -19.19
CA ILE B 203 -16.88 9.55 -20.12
C ILE B 203 -17.05 9.17 -21.58
N THR B 204 -17.69 10.04 -22.35
CA THR B 204 -17.89 9.81 -23.78
C THR B 204 -16.84 10.67 -24.47
N TYR B 205 -16.11 10.08 -25.42
CA TYR B 205 -15.04 10.78 -26.11
C TYR B 205 -14.67 10.13 -27.43
N GLN B 206 -13.81 10.81 -28.18
CA GLN B 206 -13.26 10.31 -29.44
C GLN B 206 -11.77 10.61 -29.31
N ILE B 207 -10.94 9.92 -30.09
CA ILE B 207 -9.52 10.21 -30.07
C ILE B 207 -9.41 11.11 -31.31
N MET B 208 -8.58 12.14 -31.23
CA MET B 208 -8.41 13.10 -32.33
C MET B 208 -7.14 12.88 -33.16
N LYS B 209 -7.24 12.98 -34.49
CA LYS B 209 -6.05 12.74 -35.31
C LYS B 209 -4.95 13.69 -34.92
N PRO B 210 -3.70 13.26 -35.11
CA PRO B 210 -2.60 14.15 -34.75
C PRO B 210 -2.53 15.30 -35.75
N GLU B 211 -2.04 16.44 -35.31
CA GLU B 211 -1.92 17.59 -36.20
C GLU B 211 -0.48 18.05 -36.43
ZN ZN C . 25.10 -13.09 26.01
C1 2GU D . 20.65 5.09 13.99
C2 2GU D . 20.53 6.09 15.03
C3 2GU D . 21.53 6.33 16.01
N1 2GU D . 21.32 7.32 16.94
C4 2GU D . 20.13 8.07 16.96
N2 2GU D . 19.84 9.04 17.84
N3 2GU D . 19.12 7.90 16.03
C5 2GU D . 19.25 6.93 15.08
C6 2GU D . 18.23 6.73 14.07
C7 2GU D . 18.39 5.70 13.04
C8 2GU D . 19.61 4.86 12.97
C9 2GU D . 19.82 3.76 11.98
C10 2GU D . 18.73 2.83 11.72
C11 2GU D . 21.07 3.54 11.28
C12 2GU D . 21.30 2.47 10.37
C13 2GU D . 20.23 1.58 10.14
F1 2GU D . 20.58 0.65 9.26
C14 2GU D . 18.92 1.73 10.81
C15 2GU D . 17.74 0.82 10.67
O1 2GU D . 16.55 1.11 10.69
N4 2GU D . 18.21 -0.46 10.48
C16 2GU D . 17.33 -1.47 10.43
C17 2GU D . 16.57 -1.78 11.60
C18 2GU D . 17.18 -2.16 9.19
C19 2GU D . 16.21 -3.23 9.08
C20 2GU D . 15.41 -3.55 10.28
C21 2GU D . 15.61 -2.81 11.51
N5 2GU D . 14.87 -3.08 12.59
C22 2GU D . 13.65 -3.69 12.62
O2 2GU D . 13.00 -3.64 13.61
C23 2GU D . 13.23 -4.42 11.37
C24 2GU D . 14.34 -4.67 10.28
C25 2GU D . 15.10 -6.04 10.49
C26 2GU D . 13.53 -4.63 8.93
ZN ZN E . -15.71 3.87 -36.51
C1 2GU F . -17.56 -7.71 -17.66
C2 2GU F . -18.88 -7.32 -17.18
C3 2GU F . -20.10 -7.52 -17.92
N1 2GU F . -21.30 -7.12 -17.36
C4 2GU F . -21.32 -6.52 -16.09
N2 2GU F . -22.40 -6.08 -15.44
N3 2GU F . -20.21 -6.32 -15.34
C5 2GU F . -18.96 -6.69 -15.83
C6 2GU F . -17.76 -6.51 -15.05
C7 2GU F . -16.47 -6.92 -15.56
C8 2GU F . -16.31 -7.53 -16.90
C9 2GU F . -15.00 -7.97 -17.52
C10 2GU F . -13.80 -7.21 -17.29
C11 2GU F . -14.88 -9.17 -18.35
C12 2GU F . -13.67 -9.63 -18.94
C13 2GU F . -12.49 -8.83 -18.67
F1 2GU F . -11.28 -9.24 -19.16
C14 2GU F . -12.55 -7.62 -17.85
C15 2GU F . -11.40 -6.69 -17.61
O1 2GU F . -11.05 -6.01 -16.64
N4 2GU F . -10.70 -6.61 -18.72
C16 2GU F . -9.75 -5.63 -18.82
C17 2GU F . -10.11 -4.23 -18.87
C18 2GU F . -8.43 -6.15 -18.86
C19 2GU F . -7.32 -5.26 -18.95
C20 2GU F . -7.62 -3.83 -18.99
C21 2GU F . -8.97 -3.34 -18.96
N5 2GU F . -9.15 -2.05 -19.05
C22 2GU F . -8.30 -1.09 -18.61
O2 2GU F . -8.76 -0.02 -18.41
C23 2GU F . -6.85 -1.44 -18.46
C24 2GU F . -6.48 -2.80 -19.10
C25 2GU F . -6.05 -2.75 -20.59
C26 2GU F . -5.28 -3.18 -18.23
#